data_7UE3
#
_entry.id   7UE3
#
_cell.length_a   98.198
_cell.length_b   98.198
_cell.length_c   69.169
_cell.angle_alpha   90.000
_cell.angle_beta   90.000
_cell.angle_gamma   120.000
#
_symmetry.space_group_name_H-M   'P 31 2 1'
#
loop_
_entity.id
_entity.type
_entity.pdbx_description
1 polymer 'Pantothenate kinase 3'
2 non-polymer 6-[4-({4-[(2R)-1-hydroxypropan-2-yl]phenyl}acetyl)piperazin-1-yl]pyridazine-3-carbonitrile
3 non-polymer 'PHOSPHOAMINOPHOSPHONIC ACID-ADENYLATE ESTER'
4 non-polymer 'MAGNESIUM ION'
5 non-polymer 1,2-ETHANEDIOL
6 water water
#
_entity_poly.entity_id   1
_entity_poly.type   'polypeptide(L)'
_entity_poly.pdbx_seq_one_letter_code
;MGSSHHHHHHSSGLVPRGSPWFGMDIGGTLVKLSYFEPIDITAEEEQEEVESLKSIRKYLTSNVAYGSTGIRDVHLELKD
LTLFGRRGNLHFIRFPTQDLPTFIQMGRDKNFSTLQTVLCATGGGAYKFEKDFRTIGNLHLHKLDELDCLVKGLLYIDSV
SFNGQAECYYFANASEPERCQKMPFNLDDPYPLLVVNIGSGVSILAVHSKDNYKRVTGTSLGGGTFLGLCSLLTGCESFE
EALEMASKGDSTQADKLVRDIYGGDYERFGLPGWAVASSFGNMIYKEKRESVSKEDLARATLVTITNNIGSVARMCAVNE
KINRVVFVGNFLRVNTLSMKLLAYALDYWSKGQLKALFLEHEGYFGAVGALLGLPNFSDD
;
_entity_poly.pdbx_strand_id   A
#
loop_
_chem_comp.id
_chem_comp.type
_chem_comp.name
_chem_comp.formula
ANP non-polymer 'PHOSPHOAMINOPHOSPHONIC ACID-ADENYLATE ESTER' 'C10 H17 N6 O12 P3'
EDO non-polymer 1,2-ETHANEDIOL 'C2 H6 O2'
MG non-polymer 'MAGNESIUM ION' 'Mg 2'
ND6 non-polymer 6-[4-({4-[(2R)-1-hydroxypropan-2-yl]phenyl}acetyl)piperazin-1-yl]pyridazine-3-carbonitrile 'C20 H23 N5 O2'
#
# COMPACT_ATOMS: atom_id res chain seq x y z
N SER A 19 11.70 -6.81 -25.85
CA SER A 19 10.36 -7.07 -25.33
C SER A 19 9.95 -5.93 -24.40
N PRO A 20 8.64 -5.81 -24.09
CA PRO A 20 8.22 -4.75 -23.16
C PRO A 20 8.84 -4.95 -21.79
N TRP A 21 9.02 -3.83 -21.08
CA TRP A 21 9.64 -3.83 -19.76
C TRP A 21 8.54 -3.66 -18.72
N PHE A 22 8.27 -4.75 -17.98
CA PHE A 22 7.25 -4.84 -16.93
C PHE A 22 7.92 -5.30 -15.63
N GLY A 23 7.35 -4.88 -14.51
CA GLY A 23 7.53 -5.61 -13.26
C GLY A 23 6.16 -5.87 -12.67
N MET A 24 5.97 -7.04 -12.04
CA MET A 24 4.64 -7.41 -11.54
C MET A 24 4.75 -7.88 -10.10
N ASP A 25 3.86 -7.39 -9.26
CA ASP A 25 3.74 -7.85 -7.86
C ASP A 25 2.35 -8.46 -7.72
N ILE A 26 2.26 -9.79 -7.60
CA ILE A 26 0.98 -10.49 -7.50
C ILE A 26 0.74 -10.74 -6.01
N GLY A 27 -0.09 -9.91 -5.38
CA GLY A 27 -0.37 -10.02 -3.98
C GLY A 27 -1.56 -10.93 -3.69
N GLY A 28 -1.86 -11.02 -2.39
CA GLY A 28 -3.01 -11.76 -1.95
C GLY A 28 -4.34 -11.16 -2.38
N THR A 29 -4.36 -9.86 -2.73
CA THR A 29 -5.60 -9.23 -3.16
C THR A 29 -5.46 -8.55 -4.52
N LEU A 30 -4.39 -7.79 -4.69
CA LEU A 30 -4.21 -6.98 -5.91
C LEU A 30 -2.93 -7.37 -6.64
N VAL A 31 -2.99 -7.29 -7.98
CA VAL A 31 -1.82 -7.34 -8.84
C VAL A 31 -1.43 -5.90 -9.14
N LYS A 32 -0.17 -5.59 -8.96
CA LYS A 32 0.39 -4.30 -9.34
C LYS A 32 1.37 -4.53 -10.47
N LEU A 33 1.27 -3.68 -11.49
CA LEU A 33 2.12 -3.79 -12.66
C LEU A 33 2.78 -2.45 -12.91
N SER A 34 4.11 -2.43 -13.07
CA SER A 34 4.83 -1.24 -13.50
C SER A 34 5.27 -1.48 -14.93
N TYR A 35 5.05 -0.49 -15.79
CA TYR A 35 5.34 -0.64 -17.21
C TYR A 35 6.14 0.56 -17.67
N PHE A 36 7.30 0.32 -18.27
CA PHE A 36 8.14 1.39 -18.81
C PHE A 36 7.83 1.59 -20.30
N GLU A 37 7.29 2.76 -20.63
CA GLU A 37 6.96 3.13 -22.00
C GLU A 37 8.13 3.91 -22.57
N PRO A 38 8.89 3.35 -23.52
CA PRO A 38 9.99 4.13 -24.11
C PRO A 38 9.45 5.33 -24.88
N ILE A 39 10.12 6.47 -24.75
CA ILE A 39 9.73 7.66 -25.49
C ILE A 39 10.85 8.17 -26.38
N ASP A 40 11.92 7.40 -26.50
CA ASP A 40 13.04 7.74 -27.37
C ASP A 40 13.15 6.77 -28.53
N ILE A 41 12.01 6.26 -29.02
CA ILE A 41 12.00 5.31 -30.12
C ILE A 41 12.48 6.01 -31.38
N THR A 42 13.57 5.52 -31.95
CA THR A 42 14.10 6.10 -33.19
C THR A 42 13.25 5.70 -34.38
N ALA A 43 13.64 6.21 -35.55
CA ALA A 43 12.97 5.86 -36.79
C ALA A 43 13.16 4.39 -37.14
N GLU A 44 14.39 3.87 -37.01
CA GLU A 44 14.65 2.48 -37.34
C GLU A 44 13.99 1.54 -36.33
N GLU A 45 13.95 1.93 -35.05
CA GLU A 45 13.35 1.06 -34.05
C GLU A 45 11.87 0.86 -34.30
N GLU A 46 11.17 1.92 -34.70
CA GLU A 46 9.75 1.81 -34.99
C GLU A 46 9.49 0.80 -36.10
N GLN A 47 10.32 0.81 -37.15
CA GLN A 47 10.20 -0.18 -38.21
C GLN A 47 10.33 -1.60 -37.66
N GLU A 48 11.41 -1.88 -36.92
CA GLU A 48 11.70 -3.20 -36.37
C GLU A 48 10.73 -3.64 -35.29
N GLU A 49 9.77 -2.80 -34.90
CA GLU A 49 8.80 -3.14 -33.86
C GLU A 49 7.70 -4.01 -34.45
N VAL A 50 7.49 -5.19 -33.86
CA VAL A 50 6.47 -6.09 -34.39
C VAL A 50 5.09 -5.62 -33.97
N GLU A 51 4.07 -6.06 -34.72
CA GLU A 51 2.73 -5.50 -34.54
C GLU A 51 2.16 -5.82 -33.16
N SER A 52 2.40 -7.03 -32.66
CA SER A 52 1.89 -7.36 -31.33
C SER A 52 2.46 -6.43 -30.27
N LEU A 53 3.71 -6.02 -30.44
CA LEU A 53 4.34 -5.13 -29.47
C LEU A 53 3.79 -3.71 -29.59
N LYS A 54 3.61 -3.21 -30.82
CA LYS A 54 2.98 -1.91 -30.98
C LYS A 54 1.56 -1.93 -30.43
N SER A 55 0.86 -3.06 -30.58
CA SER A 55 -0.50 -3.17 -30.07
C SER A 55 -0.53 -3.07 -28.55
N ILE A 56 0.40 -3.71 -27.86
CA ILE A 56 0.43 -3.65 -26.40
C ILE A 56 0.72 -2.23 -25.93
N ARG A 57 1.70 -1.57 -26.55
CA ARG A 57 2.06 -0.22 -26.12
C ARG A 57 0.90 0.75 -26.34
N LYS A 58 0.25 0.68 -27.49
CA LYS A 58 -0.86 1.58 -27.75
C LYS A 58 -2.06 1.27 -26.85
N TYR A 59 -2.34 -0.02 -26.61
CA TYR A 59 -3.43 -0.38 -25.71
C TYR A 59 -3.21 0.18 -24.31
N LEU A 60 -2.00 0.00 -23.77
CA LEU A 60 -1.70 0.44 -22.42
C LEU A 60 -1.71 1.95 -22.28
N THR A 61 -1.17 2.67 -23.28
CA THR A 61 -1.06 4.13 -23.19
C THR A 61 -2.29 4.90 -23.71
N SER A 62 -3.21 4.26 -24.42
CA SER A 62 -4.42 4.94 -24.88
C SER A 62 -5.65 4.66 -24.02
N ASN A 63 -5.54 3.81 -23.00
CA ASN A 63 -6.64 3.49 -22.12
C ASN A 63 -6.20 3.69 -20.69
N VAL A 64 -7.13 4.14 -19.84
CA VAL A 64 -6.88 4.21 -18.41
C VAL A 64 -7.66 3.14 -17.66
N ALA A 65 -8.67 2.56 -18.28
CA ALA A 65 -9.38 1.40 -17.75
C ALA A 65 -9.13 0.25 -18.70
N TYR A 66 -8.79 -0.92 -18.13
CA TYR A 66 -8.52 -2.11 -18.93
C TYR A 66 -9.54 -3.18 -18.57
N GLY A 67 -10.36 -3.56 -19.55
CA GLY A 67 -11.43 -4.45 -19.17
C GLY A 67 -12.35 -3.82 -18.13
N SER A 68 -12.95 -4.67 -17.32
CA SER A 68 -13.84 -4.18 -16.28
C SER A 68 -13.16 -3.92 -14.95
N THR A 69 -11.92 -4.39 -14.75
CA THR A 69 -11.33 -4.23 -13.43
C THR A 69 -9.89 -3.74 -13.40
N GLY A 70 -9.24 -3.50 -14.54
CA GLY A 70 -7.89 -2.94 -14.51
C GLY A 70 -7.93 -1.41 -14.58
N ILE A 71 -7.01 -0.77 -13.85
CA ILE A 71 -6.95 0.69 -13.74
C ILE A 71 -5.50 1.14 -13.88
N ARG A 72 -5.26 2.15 -14.71
CA ARG A 72 -3.97 2.86 -14.73
C ARG A 72 -4.09 4.10 -13.85
N ASP A 73 -3.22 4.19 -12.84
CA ASP A 73 -3.18 5.35 -11.95
C ASP A 73 -2.34 6.44 -12.62
N VAL A 74 -3.00 7.20 -13.49
CA VAL A 74 -2.30 8.16 -14.35
C VAL A 74 -1.56 9.20 -13.51
N HIS A 75 -2.13 9.61 -12.38
CA HIS A 75 -1.54 10.67 -11.57
C HIS A 75 -0.18 10.28 -11.00
N LEU A 76 0.12 8.98 -10.94
CA LEU A 76 1.40 8.50 -10.42
C LEU A 76 2.48 8.37 -11.49
N GLU A 77 2.17 8.62 -12.75
CA GLU A 77 3.11 8.36 -13.82
C GLU A 77 4.39 9.15 -13.59
N LEU A 78 5.54 8.48 -13.75
CA LEU A 78 6.82 9.18 -13.76
C LEU A 78 7.18 9.49 -15.19
N LYS A 79 7.33 10.76 -15.52
CA LYS A 79 7.52 11.16 -16.90
C LYS A 79 9.00 11.41 -17.20
N ASP A 80 9.43 10.95 -18.36
CA ASP A 80 10.81 11.18 -18.83
C ASP A 80 11.83 10.68 -17.81
N LEU A 81 11.63 9.46 -17.37
CA LEU A 81 12.56 8.74 -16.51
C LEU A 81 13.62 8.07 -17.35
N THR A 82 14.88 8.15 -16.90
CA THR A 82 15.94 7.39 -17.56
C THR A 82 16.08 6.06 -16.82
N LEU A 83 15.90 4.96 -17.56
CA LEU A 83 15.93 3.63 -16.97
C LEU A 83 16.62 2.70 -17.94
N PHE A 84 17.62 1.96 -17.46
CA PHE A 84 18.39 1.04 -18.27
C PHE A 84 18.93 1.73 -19.51
N GLY A 85 19.31 3.00 -19.37
CA GLY A 85 19.92 3.74 -20.47
C GLY A 85 18.97 4.29 -21.50
N ARG A 86 17.66 4.14 -21.31
CA ARG A 86 16.65 4.66 -22.23
C ARG A 86 15.79 5.66 -21.47
N ARG A 87 15.15 6.57 -22.21
CA ARG A 87 14.19 7.47 -21.59
C ARG A 87 12.77 6.97 -21.87
N GLY A 88 11.90 7.17 -20.88
CA GLY A 88 10.55 6.69 -21.03
C GLY A 88 9.68 7.19 -19.90
N ASN A 89 8.41 6.75 -19.92
CA ASN A 89 7.46 7.04 -18.87
C ASN A 89 7.21 5.77 -18.08
N LEU A 90 7.18 5.87 -16.76
CA LEU A 90 6.87 4.72 -15.92
C LEU A 90 5.41 4.78 -15.49
N HIS A 91 4.64 3.76 -15.85
CA HIS A 91 3.21 3.68 -15.63
C HIS A 91 2.91 2.70 -14.52
N PHE A 92 1.80 2.95 -13.81
CA PHE A 92 1.41 2.17 -12.63
C PHE A 92 -0.02 1.67 -12.82
N ILE A 93 -0.20 0.34 -12.81
CA ILE A 93 -1.44 -0.30 -13.20
C ILE A 93 -1.80 -1.33 -12.15
N ARG A 94 -3.09 -1.43 -11.80
CA ARG A 94 -3.50 -2.44 -10.82
C ARG A 94 -4.79 -3.13 -11.26
N PHE A 95 -4.96 -4.38 -10.80
CA PHE A 95 -6.20 -5.12 -11.02
C PHE A 95 -6.27 -6.21 -9.98
N PRO A 96 -7.45 -6.78 -9.75
CA PRO A 96 -7.58 -7.77 -8.67
C PRO A 96 -6.86 -9.06 -9.02
N THR A 97 -6.22 -9.68 -8.02
CA THR A 97 -5.60 -10.99 -8.27
C THR A 97 -6.63 -12.00 -8.75
N GLN A 98 -7.89 -11.86 -8.31
CA GLN A 98 -8.96 -12.75 -8.78
C GLN A 98 -9.10 -12.73 -10.30
N ASP A 99 -8.67 -11.65 -10.97
CA ASP A 99 -8.78 -11.54 -12.41
C ASP A 99 -7.48 -11.87 -13.15
N LEU A 100 -6.47 -12.38 -12.45
CA LEU A 100 -5.26 -12.81 -13.13
C LEU A 100 -5.56 -13.81 -14.25
N PRO A 101 -6.57 -14.71 -14.14
CA PRO A 101 -6.88 -15.56 -15.31
C PRO A 101 -7.20 -14.79 -16.58
N THR A 102 -7.97 -13.70 -16.50
CA THR A 102 -8.18 -12.85 -17.66
C THR A 102 -6.87 -12.29 -18.19
N PHE A 103 -5.99 -11.83 -17.30
CA PHE A 103 -4.72 -11.28 -17.74
C PHE A 103 -3.90 -12.34 -18.48
N ILE A 104 -3.84 -13.55 -17.93
CA ILE A 104 -3.00 -14.57 -18.56
C ILE A 104 -3.62 -15.01 -19.89
N GLN A 105 -4.95 -15.07 -19.95
CA GLN A 105 -5.61 -15.39 -21.23
C GLN A 105 -5.34 -14.30 -22.27
N MET A 106 -5.33 -13.03 -21.87
CA MET A 106 -4.95 -11.96 -22.79
C MET A 106 -3.52 -12.15 -23.27
N GLY A 107 -2.61 -12.52 -22.36
CA GLY A 107 -1.22 -12.72 -22.75
C GLY A 107 -1.02 -13.88 -23.73
N ARG A 108 -1.81 -14.95 -23.60
CA ARG A 108 -1.69 -16.07 -24.52
C ARG A 108 -2.31 -15.78 -25.88
N ASP A 109 -3.29 -14.89 -25.95
CA ASP A 109 -3.91 -14.56 -27.23
C ASP A 109 -3.15 -13.43 -27.91
N THR A 117 9.17 -12.49 -24.00
CA THR A 117 8.98 -11.61 -22.87
C THR A 117 9.64 -12.21 -21.64
N VAL A 118 10.34 -11.37 -20.87
CA VAL A 118 10.92 -11.77 -19.61
C VAL A 118 10.15 -11.07 -18.52
N LEU A 119 9.47 -11.84 -17.66
CA LEU A 119 8.60 -11.29 -16.64
C LEU A 119 9.27 -11.46 -15.29
N CYS A 120 9.71 -10.34 -14.72
CA CYS A 120 10.13 -10.34 -13.33
C CYS A 120 8.90 -10.14 -12.47
N ALA A 121 8.67 -11.08 -11.56
CA ALA A 121 7.43 -11.16 -10.80
C ALA A 121 7.76 -11.38 -9.34
N THR A 122 7.00 -10.69 -8.48
CA THR A 122 7.14 -10.87 -7.05
C THR A 122 5.76 -11.00 -6.42
N GLY A 123 5.73 -10.99 -5.08
CA GLY A 123 4.55 -11.33 -4.33
C GLY A 123 4.33 -12.82 -4.27
N GLY A 124 3.40 -13.23 -3.38
CA GLY A 124 3.14 -14.65 -3.25
C GLY A 124 2.67 -15.27 -4.54
N GLY A 125 1.95 -14.50 -5.37
CA GLY A 125 1.44 -15.05 -6.60
C GLY A 125 2.49 -15.38 -7.64
N ALA A 126 3.71 -14.83 -7.52
CA ALA A 126 4.78 -15.27 -8.41
C ALA A 126 5.06 -16.75 -8.24
N TYR A 127 4.90 -17.25 -7.01
CA TYR A 127 5.02 -18.67 -6.75
C TYR A 127 3.71 -19.41 -7.01
N LYS A 128 2.60 -18.90 -6.45
CA LYS A 128 1.33 -19.62 -6.56
C LYS A 128 0.92 -19.83 -8.00
N PHE A 129 1.15 -18.82 -8.86
CA PHE A 129 0.70 -18.91 -10.25
C PHE A 129 1.85 -19.12 -11.22
N GLU A 130 2.99 -19.62 -10.72
CA GLU A 130 4.13 -19.83 -11.60
C GLU A 130 3.75 -20.71 -12.80
N LYS A 131 3.03 -21.81 -12.55
CA LYS A 131 2.70 -22.72 -13.65
C LYS A 131 1.74 -22.07 -14.62
N ASP A 132 0.92 -21.13 -14.14
CA ASP A 132 0.00 -20.44 -15.04
C ASP A 132 0.74 -19.49 -15.96
N PHE A 133 1.73 -18.74 -15.44
CA PHE A 133 2.50 -17.87 -16.31
C PHE A 133 3.23 -18.66 -17.37
N ARG A 134 3.62 -19.89 -17.06
CA ARG A 134 4.35 -20.68 -18.02
C ARG A 134 3.47 -21.25 -19.13
N THR A 135 2.14 -21.04 -19.06
CA THR A 135 1.29 -21.39 -20.20
C THR A 135 1.46 -20.42 -21.35
N ILE A 136 2.12 -19.29 -21.12
CA ILE A 136 2.45 -18.35 -22.18
C ILE A 136 3.76 -18.83 -22.80
N GLY A 137 3.69 -19.27 -24.05
CA GLY A 137 4.81 -19.87 -24.73
C GLY A 137 6.10 -19.06 -24.67
N ASN A 138 7.19 -19.76 -24.35
CA ASN A 138 8.54 -19.21 -24.31
C ASN A 138 8.68 -18.07 -23.30
N LEU A 139 7.63 -17.79 -22.52
CA LEU A 139 7.71 -16.74 -21.49
C LEU A 139 8.70 -17.16 -20.42
N HIS A 140 9.54 -16.21 -19.99
CA HIS A 140 10.58 -16.48 -19.01
C HIS A 140 10.20 -15.78 -17.70
N LEU A 141 9.79 -16.56 -16.71
CA LEU A 141 9.37 -16.01 -15.41
C LEU A 141 10.55 -16.02 -14.44
N HIS A 142 10.82 -14.89 -13.81
CA HIS A 142 11.86 -14.82 -12.78
C HIS A 142 11.22 -14.37 -11.48
N LYS A 143 11.16 -15.28 -10.51
CA LYS A 143 10.50 -14.97 -9.24
C LYS A 143 11.46 -14.24 -8.32
N LEU A 144 11.00 -13.12 -7.75
CA LEU A 144 11.80 -12.28 -6.87
C LEU A 144 11.07 -12.07 -5.56
N ASP A 145 11.81 -11.79 -4.50
CA ASP A 145 11.23 -11.76 -3.16
C ASP A 145 10.40 -10.50 -2.92
N GLU A 146 9.22 -10.66 -2.29
CA GLU A 146 8.29 -9.54 -2.21
C GLU A 146 8.80 -8.43 -1.31
N LEU A 147 9.57 -8.76 -0.29
CA LEU A 147 10.10 -7.71 0.58
C LEU A 147 11.42 -7.13 0.03
N ASP A 148 12.28 -7.94 -0.59
CA ASP A 148 13.41 -7.37 -1.34
C ASP A 148 12.92 -6.35 -2.38
N CYS A 149 11.88 -6.72 -3.13
CA CYS A 149 11.41 -5.83 -4.20
C CYS A 149 10.80 -4.56 -3.62
N LEU A 150 10.05 -4.68 -2.51
CA LEU A 150 9.52 -3.52 -1.80
C LEU A 150 10.64 -2.55 -1.43
N VAL A 151 11.70 -3.04 -0.79
CA VAL A 151 12.77 -2.15 -0.34
C VAL A 151 13.47 -1.50 -1.54
N LYS A 152 13.82 -2.29 -2.56
CA LYS A 152 14.50 -1.75 -3.74
C LYS A 152 13.63 -0.72 -4.47
N GLY A 153 12.33 -1.00 -4.61
CA GLY A 153 11.45 -0.07 -5.31
C GLY A 153 11.22 1.22 -4.55
N LEU A 154 11.04 1.13 -3.24
CA LEU A 154 10.85 2.32 -2.41
C LEU A 154 12.07 3.23 -2.46
N LEU A 155 13.27 2.65 -2.31
CA LEU A 155 14.48 3.44 -2.35
C LEU A 155 14.67 4.06 -3.74
N TYR A 156 14.32 3.30 -4.78
CA TYR A 156 14.50 3.79 -6.13
C TYR A 156 13.59 4.97 -6.40
N ILE A 157 12.29 4.82 -6.12
CA ILE A 157 11.37 5.91 -6.42
C ILE A 157 11.72 7.15 -5.62
N ASP A 158 12.06 6.99 -4.33
CA ASP A 158 12.45 8.21 -3.62
C ASP A 158 13.70 8.85 -4.23
N SER A 159 14.64 8.04 -4.73
CA SER A 159 15.86 8.56 -5.32
C SER A 159 15.60 9.36 -6.59
N VAL A 160 14.67 8.90 -7.45
CA VAL A 160 14.45 9.62 -8.70
C VAL A 160 13.47 10.78 -8.56
N SER A 161 12.73 10.86 -7.44
CA SER A 161 11.73 11.87 -7.13
C SER A 161 10.44 11.60 -7.89
N PHE A 162 9.36 12.25 -7.46
CA PHE A 162 8.05 12.16 -8.11
C PHE A 162 7.93 13.37 -9.03
N ASN A 163 8.54 13.25 -10.22
CA ASN A 163 8.55 14.35 -11.20
C ASN A 163 9.01 15.64 -10.56
N GLY A 164 10.07 15.54 -9.75
CA GLY A 164 10.69 16.71 -9.13
C GLY A 164 10.17 17.04 -7.76
N GLN A 165 9.03 16.47 -7.37
CA GLN A 165 8.47 16.62 -6.04
C GLN A 165 8.92 15.49 -5.14
N ALA A 166 8.80 15.71 -3.83
CA ALA A 166 9.13 14.66 -2.88
C ALA A 166 8.20 13.46 -3.02
N GLU A 167 8.79 12.27 -2.96
CA GLU A 167 7.99 11.06 -2.89
C GLU A 167 7.41 10.82 -1.51
N CYS A 168 8.10 11.29 -0.47
CA CYS A 168 7.74 11.00 0.92
C CYS A 168 7.08 12.24 1.51
N TYR A 169 6.08 12.01 2.36
CA TYR A 169 5.42 13.10 3.05
C TYR A 169 5.03 12.67 4.47
N TYR A 170 4.71 13.67 5.29
CA TYR A 170 4.18 13.44 6.63
C TYR A 170 3.02 14.39 6.84
N PHE A 171 2.31 14.23 7.95
CA PHE A 171 1.27 15.20 8.32
C PHE A 171 1.82 16.10 9.43
N ALA A 172 2.05 17.37 9.12
CA ALA A 172 2.53 18.31 10.12
C ALA A 172 1.40 18.64 11.07
N ASN A 173 1.75 18.78 12.35
CA ASN A 173 0.77 19.15 13.38
C ASN A 173 -0.43 18.21 13.36
N ALA A 174 -0.12 16.90 13.40
CA ALA A 174 -1.16 15.90 13.16
C ALA A 174 -2.20 15.84 14.27
N SER A 175 -1.92 16.44 15.42
CA SER A 175 -2.84 16.44 16.55
C SER A 175 -3.81 17.62 16.55
N GLU A 176 -3.65 18.55 15.62
CA GLU A 176 -4.45 19.77 15.63
C GLU A 176 -5.16 19.88 14.29
N PRO A 177 -6.46 19.56 14.23
CA PRO A 177 -7.14 19.47 12.93
C PRO A 177 -7.06 20.76 12.11
N GLU A 178 -7.11 21.92 12.76
CA GLU A 178 -7.08 23.18 12.03
C GLU A 178 -5.71 23.44 11.42
N ARG A 179 -4.68 22.72 11.85
CA ARG A 179 -3.33 22.89 11.36
C ARG A 179 -2.84 21.74 10.51
N CYS A 180 -3.40 20.55 10.73
CA CYS A 180 -2.86 19.32 10.16
C CYS A 180 -2.80 19.42 8.65
N GLN A 181 -1.61 19.18 8.08
CA GLN A 181 -1.51 19.29 6.63
C GLN A 181 -0.37 18.43 6.11
N LYS A 182 -0.60 17.87 4.94
CA LYS A 182 0.42 17.12 4.23
C LYS A 182 1.63 17.99 3.91
N MET A 183 2.84 17.51 4.22
CA MET A 183 4.08 18.25 3.91
C MET A 183 5.20 17.29 3.45
N PRO A 184 6.10 17.73 2.57
CA PRO A 184 7.15 16.84 2.08
C PRO A 184 8.19 16.52 3.14
N PHE A 185 8.79 15.33 3.02
CA PHE A 185 9.82 14.85 3.95
C PHE A 185 11.00 14.30 3.16
N ASN A 186 12.21 14.72 3.53
CA ASN A 186 13.42 14.29 2.82
C ASN A 186 13.94 12.96 3.36
N LEU A 187 14.12 11.99 2.44
CA LEU A 187 14.71 10.69 2.75
C LEU A 187 16.07 10.49 2.08
N ASP A 188 16.84 11.57 1.90
CA ASP A 188 18.10 11.41 1.16
C ASP A 188 19.06 10.48 1.87
N ASP A 189 19.03 10.44 3.20
CA ASP A 189 19.79 9.46 3.98
C ASP A 189 18.74 8.67 4.74
N PRO A 190 18.20 7.61 4.14
CA PRO A 190 16.97 7.01 4.65
C PRO A 190 17.17 6.00 5.76
N TYR A 191 18.41 5.81 6.23
CA TYR A 191 18.61 4.70 7.15
C TYR A 191 18.90 5.21 8.54
N PRO A 192 18.44 4.50 9.58
CA PRO A 192 17.59 3.31 9.47
C PRO A 192 16.12 3.71 9.26
N LEU A 193 15.27 2.76 8.90
CA LEU A 193 13.90 3.08 8.56
C LEU A 193 13.07 1.87 8.92
N LEU A 194 11.93 2.07 9.55
CA LEU A 194 10.96 1.00 9.76
C LEU A 194 9.91 1.13 8.67
N VAL A 195 9.70 0.06 7.90
CA VAL A 195 8.75 0.06 6.80
C VAL A 195 7.58 -0.85 7.18
N VAL A 196 6.38 -0.31 7.18
CA VAL A 196 5.18 -1.06 7.56
C VAL A 196 4.35 -1.24 6.30
N ASN A 197 4.30 -2.47 5.78
CA ASN A 197 3.67 -2.75 4.49
C ASN A 197 2.27 -3.29 4.76
N ILE A 198 1.25 -2.47 4.54
CA ILE A 198 -0.14 -2.83 4.90
C ILE A 198 -0.82 -3.29 3.62
N GLY A 199 -0.78 -4.59 3.39
CA GLY A 199 -1.50 -5.18 2.26
C GLY A 199 -2.66 -6.00 2.79
N SER A 200 -2.89 -7.19 2.23
CA SER A 200 -3.87 -8.11 2.82
C SER A 200 -3.50 -8.36 4.27
N GLY A 201 -2.24 -8.73 4.48
CA GLY A 201 -1.61 -8.79 5.78
C GLY A 201 -0.52 -7.74 5.86
N VAL A 202 0.06 -7.64 7.06
CA VAL A 202 1.03 -6.57 7.36
C VAL A 202 2.41 -7.17 7.62
N SER A 203 3.42 -6.72 6.87
CA SER A 203 4.80 -7.04 7.18
C SER A 203 5.51 -5.81 7.71
N ILE A 204 6.39 -5.99 8.68
CA ILE A 204 7.14 -4.89 9.28
C ILE A 204 8.62 -5.14 9.09
N LEU A 205 9.31 -4.21 8.42
CA LEU A 205 10.71 -4.34 8.05
C LEU A 205 11.55 -3.30 8.79
N ALA A 206 12.73 -3.71 9.23
CA ALA A 206 13.73 -2.78 9.75
C ALA A 206 14.83 -2.68 8.69
N VAL A 207 14.98 -1.52 8.07
CA VAL A 207 15.92 -1.34 6.97
C VAL A 207 17.13 -0.56 7.48
N HIS A 208 18.30 -1.21 7.45
CA HIS A 208 19.54 -0.60 7.95
C HIS A 208 20.43 -0.04 6.86
N SER A 209 20.34 -0.59 5.65
CA SER A 209 21.06 -0.08 4.47
C SER A 209 20.33 -0.63 3.26
N LYS A 210 20.81 -0.27 2.06
CA LYS A 210 20.13 -0.71 0.84
C LYS A 210 20.12 -2.22 0.69
N ASP A 211 21.06 -2.93 1.33
CA ASP A 211 21.17 -4.38 1.23
C ASP A 211 21.15 -5.08 2.59
N ASN A 212 20.66 -4.41 3.64
CA ASN A 212 20.63 -5.01 4.98
C ASN A 212 19.30 -4.62 5.61
N TYR A 213 18.36 -5.54 5.62
CA TYR A 213 17.09 -5.34 6.30
C TYR A 213 16.64 -6.67 6.85
N LYS A 214 15.65 -6.59 7.73
CA LYS A 214 15.11 -7.74 8.43
C LYS A 214 13.60 -7.57 8.47
N ARG A 215 12.86 -8.68 8.33
CA ARG A 215 11.42 -8.66 8.59
C ARG A 215 11.23 -8.88 10.08
N VAL A 216 10.96 -7.79 10.80
CA VAL A 216 10.88 -7.84 12.27
C VAL A 216 9.79 -8.78 12.72
N THR A 217 8.60 -8.62 12.14
CA THR A 217 7.44 -9.43 12.44
C THR A 217 6.38 -9.07 11.40
N GLY A 218 5.15 -9.53 11.63
CA GLY A 218 4.01 -9.13 10.85
C GLY A 218 2.78 -9.18 11.75
N THR A 219 1.66 -8.69 11.21
CA THR A 219 0.38 -8.85 11.89
C THR A 219 -0.63 -9.30 10.86
N SER A 220 -1.55 -10.14 11.29
CA SER A 220 -2.64 -10.63 10.45
CA SER A 220 -2.59 -10.56 10.35
C SER A 220 -3.80 -9.65 10.37
N LEU A 221 -3.77 -8.56 11.15
CA LEU A 221 -4.88 -7.60 11.15
C LEU A 221 -4.48 -6.50 10.20
N GLY A 222 -4.84 -6.71 8.92
CA GLY A 222 -4.38 -5.85 7.86
C GLY A 222 -5.50 -5.37 6.98
N GLY A 223 -5.16 -5.00 5.73
CA GLY A 223 -6.17 -4.49 4.85
C GLY A 223 -7.27 -5.48 4.53
N GLY A 224 -6.94 -6.78 4.54
CA GLY A 224 -7.95 -7.79 4.28
C GLY A 224 -8.91 -7.97 5.44
N THR A 225 -8.44 -7.70 6.65
CA THR A 225 -9.33 -7.71 7.82
C THR A 225 -10.29 -6.55 7.77
N PHE A 226 -9.78 -5.35 7.42
CA PHE A 226 -10.69 -4.25 7.22
C PHE A 226 -11.75 -4.58 6.20
N LEU A 227 -11.33 -5.03 4.99
CA LEU A 227 -12.31 -5.22 3.93
C LEU A 227 -13.22 -6.41 4.22
N GLY A 228 -12.66 -7.49 4.77
CA GLY A 228 -13.47 -8.68 5.04
C GLY A 228 -14.46 -8.47 6.17
N LEU A 229 -14.01 -7.86 7.27
CA LEU A 229 -14.94 -7.60 8.37
C LEU A 229 -15.98 -6.55 7.98
N CYS A 230 -15.55 -5.50 7.28
CA CYS A 230 -16.51 -4.50 6.83
C CYS A 230 -17.59 -5.15 5.98
N SER A 231 -17.17 -6.03 5.05
CA SER A 231 -18.13 -6.70 4.19
C SER A 231 -19.11 -7.55 4.99
N LEU A 232 -18.63 -8.27 5.99
CA LEU A 232 -19.52 -9.07 6.80
C LEU A 232 -20.49 -8.21 7.61
N LEU A 233 -19.98 -7.09 8.13
CA LEU A 233 -20.77 -6.30 9.09
C LEU A 233 -21.71 -5.33 8.40
N THR A 234 -21.39 -4.89 7.18
CA THR A 234 -22.16 -3.83 6.53
C THR A 234 -22.74 -4.20 5.17
N GLY A 235 -22.30 -5.28 4.55
CA GLY A 235 -22.75 -5.53 3.20
C GLY A 235 -22.12 -4.67 2.12
N CYS A 236 -21.10 -3.87 2.44
CA CYS A 236 -20.38 -3.14 1.40
C CYS A 236 -19.83 -4.11 0.37
N GLU A 237 -19.73 -3.65 -0.88
CA GLU A 237 -19.18 -4.55 -1.88
C GLU A 237 -17.97 -3.95 -2.60
N SER A 238 -17.29 -2.99 -1.97
CA SER A 238 -15.97 -2.59 -2.45
C SER A 238 -15.24 -1.88 -1.32
N PHE A 239 -13.91 -1.82 -1.49
CA PHE A 239 -13.07 -1.06 -0.58
C PHE A 239 -13.52 0.39 -0.53
N GLU A 240 -13.81 0.97 -1.70
CA GLU A 240 -14.21 2.37 -1.73
C GLU A 240 -15.51 2.58 -0.98
N GLU A 241 -16.48 1.66 -1.13
CA GLU A 241 -17.74 1.77 -0.39
C GLU A 241 -17.49 1.68 1.12
N ALA A 242 -16.60 0.80 1.53
CA ALA A 242 -16.30 0.64 2.96
C ALA A 242 -15.75 1.94 3.53
N LEU A 243 -14.85 2.60 2.78
CA LEU A 243 -14.30 3.87 3.25
C LEU A 243 -15.36 4.98 3.27
N GLU A 244 -16.24 5.02 2.26
CA GLU A 244 -17.33 6.00 2.25
C GLU A 244 -18.24 5.82 3.46
N MET A 245 -18.59 4.56 3.78
CA MET A 245 -19.36 4.29 4.98
C MET A 245 -18.62 4.77 6.22
N ALA A 246 -17.34 4.43 6.32
CA ALA A 246 -16.55 4.76 7.50
C ALA A 246 -16.47 6.26 7.70
N SER A 247 -16.42 7.03 6.59
CA SER A 247 -16.31 8.49 6.70
C SER A 247 -17.53 9.10 7.37
N LYS A 248 -18.66 8.40 7.35
CA LYS A 248 -19.93 8.90 7.86
C LYS A 248 -20.22 8.37 9.26
N GLY A 249 -19.43 7.41 9.74
CA GLY A 249 -19.70 6.69 10.97
C GLY A 249 -19.00 7.26 12.20
N ASP A 250 -19.44 6.77 13.36
CA ASP A 250 -18.92 7.16 14.66
C ASP A 250 -18.47 5.87 15.35
N SER A 251 -17.17 5.63 15.39
CA SER A 251 -16.69 4.37 15.96
C SER A 251 -17.06 4.22 17.43
N THR A 252 -17.31 5.33 18.13
CA THR A 252 -17.57 5.24 19.57
C THR A 252 -18.94 4.65 19.86
N GLN A 253 -19.80 4.52 18.85
CA GLN A 253 -21.06 3.81 19.03
C GLN A 253 -20.85 2.30 19.14
N ALA A 254 -19.70 1.79 18.67
CA ALA A 254 -19.39 0.37 18.77
C ALA A 254 -18.32 0.07 19.82
N ASP A 255 -17.35 0.95 19.96
CA ASP A 255 -16.22 0.72 20.84
C ASP A 255 -16.55 1.13 22.26
N LYS A 256 -15.94 0.41 23.23
CA LYS A 256 -16.00 0.75 24.64
C LYS A 256 -14.74 1.54 24.97
N LEU A 257 -14.92 2.79 25.39
CA LEU A 257 -13.82 3.72 25.63
C LEU A 257 -13.36 3.67 27.09
N VAL A 258 -12.18 4.22 27.36
CA VAL A 258 -11.73 4.33 28.75
C VAL A 258 -12.77 5.04 29.60
N ARG A 259 -13.37 6.11 29.06
CA ARG A 259 -14.36 6.84 29.85
C ARG A 259 -15.63 6.01 30.10
N ASP A 260 -15.91 5.01 29.26
CA ASP A 260 -17.05 4.12 29.55
C ASP A 260 -16.79 3.19 30.73
N ILE A 261 -15.52 2.95 31.06
CA ILE A 261 -15.15 2.05 32.14
C ILE A 261 -14.85 2.81 33.43
N TYR A 262 -14.15 3.96 33.31
CA TYR A 262 -13.72 4.77 34.44
C TYR A 262 -14.63 5.96 34.73
N GLY A 263 -15.44 6.39 33.76
CA GLY A 263 -16.17 7.63 33.91
C GLY A 263 -15.37 8.85 33.50
N GLY A 264 -14.16 8.65 33.02
CA GLY A 264 -13.23 9.74 32.73
C GLY A 264 -11.91 9.15 32.29
N ASP A 265 -10.84 9.93 32.49
CA ASP A 265 -9.50 9.42 32.21
C ASP A 265 -9.13 8.33 33.23
N TYR A 266 -8.19 7.45 32.84
CA TYR A 266 -7.51 6.59 33.82
C TYR A 266 -6.19 7.29 34.11
N GLU A 267 -6.19 8.11 35.16
CA GLU A 267 -5.13 9.09 35.32
C GLU A 267 -3.79 8.46 35.65
N ARG A 268 -3.79 7.43 36.49
CA ARG A 268 -2.54 6.87 36.98
C ARG A 268 -1.62 6.46 35.83
N PHE A 269 -2.17 5.94 34.73
CA PHE A 269 -1.35 5.50 33.61
C PHE A 269 -1.51 6.39 32.39
N GLY A 270 -2.02 7.60 32.58
CA GLY A 270 -2.06 8.56 31.50
C GLY A 270 -2.92 8.15 30.34
N LEU A 271 -4.03 7.44 30.59
CA LEU A 271 -4.89 7.01 29.52
C LEU A 271 -6.06 7.96 29.40
N PRO A 272 -6.23 8.63 28.29
CA PRO A 272 -7.32 9.60 28.16
C PRO A 272 -8.66 8.88 28.05
N GLY A 273 -9.73 9.56 28.49
CA GLY A 273 -11.05 8.93 28.43
C GLY A 273 -11.49 8.57 27.03
N TRP A 274 -10.98 9.28 26.03
CA TRP A 274 -11.37 8.98 24.67
C TRP A 274 -10.64 7.80 24.06
N ALA A 275 -9.60 7.28 24.72
CA ALA A 275 -8.92 6.14 24.17
C ALA A 275 -9.84 4.91 24.14
N VAL A 276 -9.66 4.05 23.14
CA VAL A 276 -10.44 2.82 23.05
C VAL A 276 -9.86 1.79 24.00
N ALA A 277 -10.69 1.36 24.96
CA ALA A 277 -10.31 0.27 25.85
C ALA A 277 -10.62 -1.07 25.20
N SER A 278 -11.77 -1.16 24.53
CA SER A 278 -12.20 -2.43 23.95
C SER A 278 -12.86 -2.17 22.60
N SER A 279 -12.16 -2.53 21.53
CA SER A 279 -12.74 -2.39 20.19
C SER A 279 -13.98 -3.26 20.07
N PHE A 280 -15.07 -2.70 19.53
CA PHE A 280 -16.37 -3.36 19.44
C PHE A 280 -16.91 -3.78 20.81
N GLY A 281 -16.34 -3.25 21.90
CA GLY A 281 -16.72 -3.73 23.21
C GLY A 281 -18.11 -3.29 23.67
N ASN A 282 -18.68 -2.25 23.07
CA ASN A 282 -20.07 -1.95 23.41
C ASN A 282 -21.06 -2.79 22.63
N MET A 283 -20.57 -3.66 21.73
CA MET A 283 -21.46 -4.55 21.01
C MET A 283 -21.79 -5.81 21.78
N ILE A 284 -21.35 -5.92 23.05
CA ILE A 284 -21.85 -7.01 23.89
C ILE A 284 -23.26 -6.75 24.39
N TYR A 285 -23.78 -5.54 24.24
CA TYR A 285 -25.11 -5.16 24.69
C TYR A 285 -26.07 -5.25 23.51
N LYS A 286 -27.12 -6.08 23.65
CA LYS A 286 -28.03 -6.31 22.53
C LYS A 286 -28.67 -5.01 22.06
N GLU A 287 -29.07 -4.14 22.99
CA GLU A 287 -29.73 -2.92 22.56
C GLU A 287 -28.78 -2.01 21.79
N LYS A 288 -27.48 -2.04 22.11
CA LYS A 288 -26.54 -1.25 21.31
C LYS A 288 -26.32 -1.86 19.94
N ARG A 289 -26.29 -3.20 19.83
CA ARG A 289 -26.21 -3.80 18.50
C ARG A 289 -27.41 -3.44 17.66
N GLU A 290 -28.56 -3.22 18.29
CA GLU A 290 -29.76 -2.91 17.53
C GLU A 290 -29.78 -1.44 17.10
N SER A 291 -28.98 -0.58 17.72
CA SER A 291 -29.02 0.83 17.34
C SER A 291 -27.86 1.25 16.45
N VAL A 292 -26.79 0.46 16.40
CA VAL A 292 -25.57 0.88 15.71
C VAL A 292 -25.82 0.88 14.21
N SER A 293 -25.22 1.83 13.50
CA SER A 293 -25.42 1.88 12.06
C SER A 293 -24.30 1.14 11.33
N LYS A 294 -24.57 0.78 10.06
CA LYS A 294 -23.51 0.21 9.24
C LYS A 294 -22.31 1.15 9.15
N GLU A 295 -22.57 2.46 9.03
CA GLU A 295 -21.47 3.42 8.95
C GLU A 295 -20.63 3.42 10.23
N ASP A 296 -21.30 3.38 11.39
CA ASP A 296 -20.56 3.26 12.65
C ASP A 296 -19.70 2.01 12.68
N LEU A 297 -20.24 0.89 12.20
CA LEU A 297 -19.46 -0.36 12.21
C LEU A 297 -18.30 -0.30 11.24
N ALA A 298 -18.49 0.32 10.07
CA ALA A 298 -17.36 0.48 9.15
C ALA A 298 -16.28 1.35 9.79
N ARG A 299 -16.68 2.41 10.48
CA ARG A 299 -15.65 3.28 11.06
C ARG A 299 -14.97 2.59 12.22
N ALA A 300 -15.73 1.82 13.02
CA ALA A 300 -15.08 1.08 14.08
C ALA A 300 -14.10 0.04 13.52
N THR A 301 -14.44 -0.57 12.38
CA THR A 301 -13.51 -1.53 11.79
C THR A 301 -12.25 -0.81 11.34
N LEU A 302 -12.40 0.35 10.69
CA LEU A 302 -11.23 1.10 10.24
C LEU A 302 -10.36 1.52 11.43
N VAL A 303 -10.99 2.07 12.47
CA VAL A 303 -10.24 2.54 13.63
C VAL A 303 -9.51 1.40 14.33
N THR A 304 -10.18 0.25 14.49
CA THR A 304 -9.58 -0.90 15.16
C THR A 304 -8.35 -1.39 14.42
N ILE A 305 -8.47 -1.56 13.11
CA ILE A 305 -7.34 -2.07 12.33
C ILE A 305 -6.22 -1.04 12.27
N THR A 306 -6.56 0.24 12.08
CA THR A 306 -5.53 1.27 11.95
C THR A 306 -4.75 1.44 13.25
N ASN A 307 -5.44 1.52 14.40
CA ASN A 307 -4.75 1.65 15.68
C ASN A 307 -3.87 0.43 15.96
N ASN A 308 -4.35 -0.78 15.63
CA ASN A 308 -3.51 -1.94 15.90
C ASN A 308 -2.22 -1.90 15.07
N ILE A 309 -2.32 -1.48 13.78
CA ILE A 309 -1.13 -1.37 12.96
C ILE A 309 -0.18 -0.32 13.53
N GLY A 310 -0.72 0.82 13.94
CA GLY A 310 0.13 1.84 14.54
C GLY A 310 0.81 1.36 15.80
N SER A 311 0.07 0.64 16.67
CA SER A 311 0.63 0.20 17.92
C SER A 311 1.73 -0.85 17.71
N VAL A 312 1.50 -1.82 16.82
CA VAL A 312 2.55 -2.78 16.49
C VAL A 312 3.77 -2.07 15.91
N ALA A 313 3.55 -1.11 15.01
CA ALA A 313 4.68 -0.35 14.46
C ALA A 313 5.43 0.38 15.57
N ARG A 314 4.70 0.98 16.50
CA ARG A 314 5.33 1.69 17.60
C ARG A 314 6.20 0.75 18.43
N MET A 315 5.67 -0.42 18.80
CA MET A 315 6.46 -1.38 19.58
C MET A 315 7.69 -1.85 18.82
N CYS A 316 7.54 -2.07 17.50
CA CYS A 316 8.69 -2.50 16.71
C CYS A 316 9.73 -1.40 16.58
N ALA A 317 9.28 -0.16 16.35
CA ALA A 317 10.22 0.96 16.30
C ALA A 317 10.99 1.12 17.60
N VAL A 318 10.30 1.00 18.75
CA VAL A 318 10.99 1.15 20.03
C VAL A 318 12.04 0.06 20.18
N ASN A 319 11.68 -1.18 19.85
CA ASN A 319 12.63 -2.28 20.01
C ASN A 319 13.80 -2.19 19.04
N GLU A 320 13.55 -1.74 17.79
CA GLU A 320 14.60 -1.62 16.79
C GLU A 320 15.40 -0.33 16.92
N LYS A 321 15.01 0.55 17.83
CA LYS A 321 15.67 1.85 18.00
C LYS A 321 15.67 2.66 16.70
N ILE A 322 14.48 2.73 16.10
CA ILE A 322 14.26 3.45 14.85
C ILE A 322 13.16 4.47 15.10
N ASN A 323 13.36 5.72 14.66
CA ASN A 323 12.37 6.73 14.96
C ASN A 323 11.56 7.21 13.76
N ARG A 324 11.87 6.74 12.55
CA ARG A 324 11.09 7.07 11.35
C ARG A 324 10.37 5.82 10.88
N VAL A 325 9.04 5.89 10.77
CA VAL A 325 8.21 4.75 10.42
C VAL A 325 7.46 5.13 9.15
N VAL A 326 7.71 4.43 8.05
CA VAL A 326 7.00 4.73 6.82
C VAL A 326 5.96 3.65 6.55
N PHE A 327 4.72 4.08 6.30
CA PHE A 327 3.60 3.16 6.06
C PHE A 327 3.31 3.16 4.57
N VAL A 328 3.21 1.96 3.98
CA VAL A 328 2.94 1.77 2.56
C VAL A 328 1.91 0.65 2.41
N GLY A 329 1.54 0.35 1.17
CA GLY A 329 0.57 -0.68 0.88
C GLY A 329 -0.81 -0.09 0.57
N ASN A 330 -1.63 -0.88 -0.10
CA ASN A 330 -2.84 -0.26 -0.60
C ASN A 330 -3.98 -0.15 0.41
N PHE A 331 -3.83 -0.64 1.64
CA PHE A 331 -4.81 -0.27 2.66
C PHE A 331 -4.94 1.25 2.75
N LEU A 332 -3.86 1.97 2.46
CA LEU A 332 -3.89 3.42 2.60
C LEU A 332 -4.21 4.17 1.30
N ARG A 333 -4.37 3.49 0.17
CA ARG A 333 -4.75 4.23 -1.04
C ARG A 333 -6.16 4.84 -0.85
N VAL A 334 -6.33 6.07 -1.37
CA VAL A 334 -7.49 6.94 -1.16
C VAL A 334 -8.05 6.88 0.27
N ASN A 335 -7.17 6.75 1.27
CA ASN A 335 -7.60 6.51 2.64
C ASN A 335 -6.94 7.53 3.57
N THR A 336 -7.31 8.81 3.39
CA THR A 336 -6.76 9.85 4.25
C THR A 336 -7.18 9.66 5.70
N LEU A 337 -8.35 9.07 5.95
CA LEU A 337 -8.78 8.82 7.32
C LEU A 337 -7.76 7.99 8.08
N SER A 338 -7.36 6.85 7.50
CA SER A 338 -6.38 6.01 8.19
C SER A 338 -5.01 6.67 8.24
N MET A 339 -4.60 7.39 7.18
CA MET A 339 -3.29 8.04 7.23
C MET A 339 -3.25 9.06 8.36
N LYS A 340 -4.31 9.87 8.48
CA LYS A 340 -4.30 10.89 9.54
C LYS A 340 -4.39 10.26 10.91
N LEU A 341 -5.13 9.16 11.03
CA LEU A 341 -5.20 8.47 12.32
C LEU A 341 -3.84 7.90 12.70
N LEU A 342 -3.13 7.31 11.73
CA LEU A 342 -1.78 6.84 12.02
C LEU A 342 -0.86 7.97 12.41
N ALA A 343 -0.93 9.09 11.69
CA ALA A 343 -0.06 10.20 12.01
C ALA A 343 -0.33 10.73 13.42
N TYR A 344 -1.61 10.88 13.77
CA TYR A 344 -1.94 11.37 15.11
C TYR A 344 -1.57 10.35 16.18
N ALA A 345 -1.96 9.09 15.97
CA ALA A 345 -1.81 8.08 17.02
C ALA A 345 -0.34 7.78 17.26
N LEU A 346 0.44 7.64 16.18
CA LEU A 346 1.86 7.34 16.40
C LEU A 346 2.53 8.46 17.17
N ASP A 347 2.24 9.71 16.80
CA ASP A 347 2.79 10.84 17.53
C ASP A 347 2.29 10.85 18.99
N TYR A 348 0.98 10.67 19.19
CA TYR A 348 0.42 10.76 20.55
C TYR A 348 0.97 9.68 21.46
N TRP A 349 0.85 8.42 21.05
CA TRP A 349 1.22 7.33 21.93
C TRP A 349 2.73 7.18 22.09
N SER A 350 3.51 7.74 21.17
CA SER A 350 4.96 7.74 21.37
C SER A 350 5.47 8.99 22.06
N LYS A 351 4.58 9.88 22.52
CA LYS A 351 5.00 11.13 23.15
C LYS A 351 5.92 11.93 22.23
N GLY A 352 5.63 11.88 20.94
CA GLY A 352 6.35 12.67 19.95
C GLY A 352 7.68 12.10 19.53
N GLN A 353 8.01 10.87 19.92
CA GLN A 353 9.32 10.29 19.61
C GLN A 353 9.36 9.61 18.26
N LEU A 354 8.21 9.22 17.72
CA LEU A 354 8.12 8.57 16.42
C LEU A 354 7.33 9.46 15.48
N LYS A 355 7.70 9.42 14.20
CA LYS A 355 7.03 10.20 13.16
C LYS A 355 6.52 9.25 12.09
N ALA A 356 5.24 9.40 11.72
CA ALA A 356 4.63 8.62 10.65
C ALA A 356 4.94 9.27 9.31
N LEU A 357 5.43 8.46 8.39
CA LEU A 357 5.75 8.92 7.03
C LEU A 357 4.96 8.10 6.04
N PHE A 358 4.72 8.69 4.86
CA PHE A 358 3.89 8.10 3.82
C PHE A 358 4.55 8.34 2.49
N LEU A 359 4.21 7.51 1.51
CA LEU A 359 4.84 7.64 0.19
C LEU A 359 3.78 7.75 -0.90
N GLU A 360 4.05 8.59 -1.88
CA GLU A 360 3.03 8.84 -2.90
C GLU A 360 2.71 7.61 -3.73
N HIS A 361 3.66 6.69 -3.91
CA HIS A 361 3.39 5.59 -4.82
C HIS A 361 2.76 4.38 -4.15
N GLU A 362 2.25 4.57 -2.92
CA GLU A 362 1.17 3.77 -2.33
C GLU A 362 1.59 2.31 -2.22
N GLY A 363 1.12 1.51 -3.15
CA GLY A 363 1.38 0.09 -3.12
C GLY A 363 2.18 -0.45 -4.28
N TYR A 364 2.93 0.38 -5.00
CA TYR A 364 3.57 -0.06 -6.23
C TYR A 364 5.05 -0.41 -6.06
N PHE A 365 5.61 -0.36 -4.84
CA PHE A 365 7.06 -0.48 -4.74
C PHE A 365 7.56 -1.88 -5.14
N GLY A 366 6.87 -2.95 -4.73
CA GLY A 366 7.31 -4.26 -5.15
C GLY A 366 7.35 -4.44 -6.66
N ALA A 367 6.33 -3.93 -7.37
CA ALA A 367 6.32 -4.03 -8.82
C ALA A 367 7.50 -3.28 -9.45
N VAL A 368 7.85 -2.12 -8.90
CA VAL A 368 9.02 -1.40 -9.39
C VAL A 368 10.28 -2.16 -9.09
N GLY A 369 10.38 -2.69 -7.86
CA GLY A 369 11.57 -3.48 -7.49
C GLY A 369 11.76 -4.69 -8.38
N ALA A 370 10.66 -5.31 -8.79
CA ALA A 370 10.75 -6.44 -9.72
C ALA A 370 11.25 -5.98 -11.08
N LEU A 371 10.70 -4.88 -11.59
CA LEU A 371 11.19 -4.33 -12.86
C LEU A 371 12.68 -4.05 -12.80
N LEU A 372 13.16 -3.54 -11.65
CA LEU A 372 14.56 -3.21 -11.53
C LEU A 372 15.44 -4.45 -11.54
N GLY A 373 14.86 -5.64 -11.40
CA GLY A 373 15.67 -6.86 -11.52
C GLY A 373 15.93 -7.34 -12.91
N LEU A 374 15.31 -6.71 -13.92
CA LEU A 374 15.46 -7.16 -15.30
C LEU A 374 16.91 -7.28 -15.74
N PRO A 375 17.81 -6.34 -15.45
CA PRO A 375 19.19 -6.47 -15.97
C PRO A 375 19.92 -7.71 -15.48
N ASN A 376 19.43 -8.35 -14.42
CA ASN A 376 20.07 -9.55 -13.91
C ASN A 376 19.73 -10.79 -14.73
N PHE A 377 18.90 -10.67 -15.76
CA PHE A 377 18.48 -11.81 -16.55
C PHE A 377 18.65 -11.55 -18.05
C01 ND6 B . 1.29 -11.85 3.00
C02 ND6 B . 2.47 -11.38 3.89
C03 ND6 B . 3.86 -11.88 3.45
C04 ND6 B . 2.23 -11.75 5.35
C05 ND6 B . 2.36 -13.06 5.78
C06 ND6 B . 2.11 -13.37 7.11
C07 ND6 B . 1.71 -12.40 8.01
C08 ND6 B . 1.45 -12.73 9.46
C09 ND6 B . 2.72 -12.70 10.28
C11 ND6 B . 3.80 -13.36 12.36
C12 ND6 B . 3.45 -12.95 13.77
C14 ND6 B . 2.21 -14.14 15.64
C17 ND6 B . 2.19 -14.82 18.19
C18 ND6 B . 2.22 -15.23 19.63
C20 ND6 B . 1.05 -15.15 17.43
C21 ND6 B . 1.05 -14.79 16.07
C22 ND6 B . 1.10 -13.77 13.41
C23 ND6 B . 1.44 -13.91 11.94
C25 ND6 B . 1.57 -11.10 7.59
C26 ND6 B . 1.82 -10.78 6.26
N10 ND6 B . 2.66 -13.30 11.54
N13 ND6 B . 2.29 -13.75 14.28
N15 ND6 B . 3.22 -13.84 16.41
N16 ND6 B . 3.23 -14.21 17.69
N19 ND6 B . 2.17 -15.54 20.73
O04 ND6 B . 0.05 -11.31 3.39
O24 ND6 B . 3.73 -12.24 9.92
PG ANP C . -0.15 -9.22 0.36
O1G ANP C . -0.55 -9.36 1.84
O2G ANP C . -0.02 -10.60 -0.32
O3G ANP C . 1.14 -8.37 0.16
PB ANP C . -1.48 -7.35 -1.57
O1B ANP C . -0.08 -7.18 -2.12
O2B ANP C . -2.53 -7.70 -2.58
N3B ANP C . -1.48 -8.44 -0.32
PA ANP C . -1.88 -4.47 -1.30
O1A ANP C . -2.14 -4.37 -2.79
O2A ANP C . -0.66 -3.74 -0.81
O3A ANP C . -1.82 -6.00 -0.82
O5' ANP C . -3.13 -3.93 -0.47
C5' ANP C . -4.34 -4.67 -0.40
C4' ANP C . -5.33 -3.88 0.43
O4' ANP C . -5.61 -2.62 -0.21
C3' ANP C . -6.68 -4.55 0.60
O3' ANP C . -6.61 -5.41 1.73
C2' ANP C . -7.62 -3.36 0.86
O2' ANP C . -7.63 -2.93 2.24
C1' ANP C . -6.94 -2.22 0.07
N9 ANP C . -7.56 -1.85 -1.20
C8 ANP C . -7.42 -0.62 -1.77
N7 ANP C . -7.98 -0.52 -2.96
C5 ANP C . -8.52 -1.76 -3.17
C6 ANP C . -9.28 -2.29 -4.24
N6 ANP C . -9.61 -1.59 -5.33
N1 ANP C . -9.66 -3.58 -4.15
C2 ANP C . -9.34 -4.28 -3.05
N3 ANP C . -8.65 -3.89 -1.98
C4 ANP C . -8.29 -2.60 -2.09
PG ANP D . 25.13 12.46 -10.97
O1G ANP D . 24.29 11.28 -10.61
O2G ANP D . 25.28 12.57 -12.53
O3G ANP D . 26.53 12.24 -10.30
PB ANP D . 22.87 13.93 -10.00
O1B ANP D . 22.39 12.63 -9.43
O2B ANP D . 22.63 15.05 -8.96
N3B ANP D . 24.52 13.89 -10.31
PA ANP D . 21.02 13.34 -11.96
O1A ANP D . 21.41 11.93 -11.74
O2A ANP D . 20.89 13.75 -13.44
O3A ANP D . 22.11 14.30 -11.31
O5' ANP D . 19.67 13.61 -11.15
C5' ANP D . 19.11 14.94 -11.01
C4' ANP D . 17.76 14.83 -10.35
O4' ANP D . 16.82 14.21 -11.25
C3' ANP D . 17.72 13.99 -9.08
O3' ANP D . 17.94 14.79 -7.92
C2' ANP D . 16.31 13.41 -9.09
O2' ANP D . 15.38 14.36 -8.55
C1' ANP D . 16.04 13.22 -10.59
N9 ANP D . 16.42 11.92 -11.11
C8 ANP D . 17.31 11.04 -10.55
N7 ANP D . 17.47 9.93 -11.24
C5 ANP D . 16.64 10.10 -12.33
C6 ANP D . 16.35 9.28 -13.45
N6 ANP D . 16.89 8.08 -13.65
N1 ANP D . 15.48 9.75 -14.37
C2 ANP D . 14.93 10.95 -14.17
N3 ANP D . 15.12 11.81 -13.17
C4 ANP D . 15.99 11.32 -12.27
MG MG E . 1.79 -7.14 -1.27
MG MG F . 22.51 10.85 -9.79
C1 EDO G . -8.98 -2.31 -9.38
O1 EDO G . -10.12 -2.06 -8.55
C2 EDO G . -7.90 -2.93 -8.50
O2 EDO G . -7.51 -1.96 -7.53
C1 EDO H . -7.27 7.12 38.97
O1 EDO H . -6.15 6.53 38.27
C2 EDO H . -8.51 7.13 38.09
O2 EDO H . -8.33 8.07 37.01
C1 EDO I . -5.13 -14.64 -4.22
O1 EDO I . -4.26 -15.65 -4.77
C2 EDO I . -5.65 -15.09 -2.86
O2 EDO I . -6.37 -16.32 -3.05
C1 EDO J . -23.37 -11.31 24.74
O1 EDO J . -23.16 -10.27 25.72
C2 EDO J . -24.36 -10.90 23.65
O2 EDO J . -25.60 -10.28 24.08
C1 EDO K . 11.04 11.49 -13.56
O1 EDO K . 10.46 12.81 -13.67
C2 EDO K . 11.32 11.22 -12.09
O2 EDO K . 10.07 11.19 -11.39
C1 EDO L . 0.12 5.38 0.81
O1 EDO L . 0.07 3.95 0.85
C2 EDO L . 0.76 5.84 2.12
O2 EDO L . 2.18 5.61 2.09
C1 EDO M . -12.66 8.15 3.84
O1 EDO M . -13.03 8.87 2.65
C2 EDO M . -11.21 7.65 3.74
O2 EDO M . -10.31 8.77 3.72
#